data_8CR8
#
_entry.id   8CR8
#
_cell.length_a   67.748
_cell.length_b   59.842
_cell.length_c   69.989
_cell.angle_alpha   90.000
_cell.angle_beta   98.060
_cell.angle_gamma   90.000
#
_symmetry.space_group_name_H-M   'P 1 21 1'
#
loop_
_entity.id
_entity.type
_entity.pdbx_description
1 polymer 'Interleukin-12 subunit beta'
2 polymer 'Interleukin-23 subunit alpha'
3 branched alpha-D-mannopyranose-(1-2)-alpha-D-mannopyranose-(1-6)-[alpha-D-mannopyranose-(1-3)]beta-D-mannopyranose-(1-4)-2-acetamido-2-deoxy-beta-D-glucopyranose-(1-4)-2-acetamido-2-deoxy-beta-D-glucopyranose
4 non-polymer 'TERBIUM(III) ION'
5 water water
#
loop_
_entity_poly.entity_id
_entity_poly.type
_entity_poly.pdbx_seq_one_letter_code
_entity_poly.pdbx_strand_id
1 'polypeptide(L)'
;MGVKVLFALICIAVAEALEIWELKKDVYVVELDWYPDAPGEMVVLTCDTPEEDGITWTLDQSSEVLGSGKTLTIQVKEFG
DAGQYTCHKGGEVLSHSLLLLHKKEDGIWSTDILKDQKEPKNKTFLRCEAKNYSGRFTCWWLTTISTDLTFSVKSSRGSS
DPQGVTCGAATLSAERVRGDNKEYEYSVECQEDSACPAAEESLPIEVMVDAVHKLKYENYTSSFFIRDIIKPDPPKNLQL
KPLKNSRQVEVSWEYPDTWSTPHSYFSLTFCVQVQGKSKREKKDRVFTDKTSATVICRKDASISVRAQDRYYSSSWSEWA
SVPCS
;
A
2 'polypeptide(L)'
;MGWSCIILFLVATATGVHSSRNVPGGSSPAWTQCQQLSQKLCTLAWSAHPLVGHMDLREEGDEETTNDVPHIQCGDGCDP
QGLRDNSQFCLQRIHQGLIFYEKLLGSDIFTGEPSLLPDSPVGQLHASLLGLSQLLQPEGHHWETQQIPSLSPSQPWQRL
LLRFKILRSLQAFVAVAARVFAHGAATLSPHHHHHH
;
B
#
loop_
_chem_comp.id
_chem_comp.type
_chem_comp.name
_chem_comp.formula
BMA D-saccharide, beta linking beta-D-mannopyranose 'C6 H12 O6'
MAN D-saccharide, alpha linking alpha-D-mannopyranose 'C6 H12 O6'
NAG D-saccharide, beta linking 2-acetamido-2-deoxy-beta-D-glucopyranose 'C8 H15 N O6'
TB non-polymer 'TERBIUM(III) ION' 'Tb 3'
#
# COMPACT_ATOMS: atom_id res chain seq x y z
N LEU A 18 18.12 12.00 -19.76
CA LEU A 18 19.21 11.59 -20.65
C LEU A 18 19.68 10.18 -20.32
N GLU A 19 20.54 9.64 -21.18
CA GLU A 19 21.01 8.28 -20.98
C GLU A 19 22.04 8.19 -19.86
N ILE A 20 22.69 9.30 -19.51
CA ILE A 20 23.53 9.40 -18.33
C ILE A 20 22.98 10.50 -17.45
N TRP A 21 22.84 10.22 -16.16
CA TRP A 21 22.24 11.18 -15.24
C TRP A 21 22.82 11.01 -13.85
N GLU A 22 22.64 12.03 -13.03
CA GLU A 22 23.24 12.08 -11.70
C GLU A 22 22.30 11.44 -10.68
N LEU A 23 22.78 10.40 -10.00
CA LEU A 23 22.04 9.75 -8.93
C LEU A 23 22.34 10.38 -7.57
N LYS A 24 23.63 10.55 -7.27
CA LYS A 24 24.09 11.23 -6.08
C LYS A 24 25.34 12.02 -6.45
N LYS A 25 25.83 12.83 -5.50
CA LYS A 25 27.03 13.62 -5.75
C LYS A 25 28.20 12.71 -6.13
N ASP A 26 28.76 12.95 -7.32
CA ASP A 26 29.86 12.21 -7.90
C ASP A 26 29.49 10.78 -8.29
N VAL A 27 28.20 10.46 -8.35
CA VAL A 27 27.74 9.14 -8.76
C VAL A 27 26.79 9.34 -9.94
N TYR A 28 27.05 8.61 -11.03
CA TYR A 28 26.30 8.75 -12.26
C TYR A 28 25.87 7.38 -12.77
N VAL A 29 24.64 7.31 -13.28
CA VAL A 29 24.07 6.08 -13.84
C VAL A 29 24.15 6.15 -15.35
N VAL A 30 24.71 5.12 -15.97
CA VAL A 30 24.82 5.02 -17.43
C VAL A 30 23.84 3.95 -17.88
N GLU A 31 22.83 4.36 -18.64
CA GLU A 31 21.83 3.43 -19.15
C GLU A 31 22.42 2.68 -20.34
N LEU A 32 22.58 1.37 -20.19
CA LEU A 32 23.28 0.54 -21.17
C LEU A 32 22.30 -0.40 -21.85
N ASP A 33 22.11 -0.23 -23.15
CA ASP A 33 21.33 -1.17 -23.96
C ASP A 33 22.24 -2.34 -24.32
N TRP A 34 22.04 -3.49 -23.68
CA TRP A 34 22.98 -4.59 -23.77
C TRP A 34 22.54 -5.60 -24.82
N TYR A 35 23.44 -5.88 -25.75
CA TYR A 35 23.29 -6.92 -26.77
C TYR A 35 24.66 -7.14 -27.41
N PRO A 36 24.84 -8.25 -28.13
CA PRO A 36 26.16 -8.53 -28.70
C PRO A 36 26.67 -7.39 -29.56
N ASP A 37 27.91 -6.97 -29.28
CA ASP A 37 28.59 -5.90 -30.01
C ASP A 37 27.86 -4.55 -29.87
N ALA A 38 27.20 -4.34 -28.74
CA ALA A 38 26.52 -3.07 -28.52
C ALA A 38 27.55 -1.94 -28.39
N PRO A 39 27.25 -0.75 -28.94
CA PRO A 39 28.24 0.33 -28.92
C PRO A 39 28.39 1.00 -27.57
N GLY A 40 27.41 0.83 -26.68
CA GLY A 40 27.40 1.52 -25.40
C GLY A 40 27.09 2.98 -25.53
N GLU A 41 27.46 3.73 -24.49
CA GLU A 41 27.24 5.17 -24.47
C GLU A 41 28.57 5.91 -24.38
N MET A 42 28.59 7.09 -24.99
CA MET A 42 29.73 7.99 -24.90
C MET A 42 29.51 8.92 -23.71
N VAL A 43 30.40 8.83 -22.71
CA VAL A 43 30.28 9.60 -21.49
C VAL A 43 31.42 10.62 -21.44
N VAL A 44 31.07 11.87 -21.18
CA VAL A 44 32.04 12.94 -21.01
C VAL A 44 32.11 13.29 -19.53
N LEU A 45 33.32 13.42 -19.00
CA LEU A 45 33.54 13.69 -17.59
C LEU A 45 33.96 15.14 -17.41
N THR A 46 34.13 15.54 -16.14
CA THR A 46 34.57 16.88 -15.80
C THR A 46 35.21 16.85 -14.43
N CYS A 47 36.32 17.57 -14.27
CA CYS A 47 37.07 17.60 -13.03
C CYS A 47 36.75 18.89 -12.27
N ASP A 48 36.26 18.76 -11.05
CA ASP A 48 35.98 19.93 -10.21
C ASP A 48 37.25 20.42 -9.53
N GLU A 52 46.13 23.27 -14.11
CA GLU A 52 45.42 22.76 -15.27
C GLU A 52 46.21 21.65 -15.97
N ASP A 53 47.49 21.54 -15.63
CA ASP A 53 48.36 20.52 -16.19
C ASP A 53 48.46 19.33 -15.27
N GLY A 54 49.10 18.28 -15.78
CA GLY A 54 49.26 17.05 -15.02
C GLY A 54 47.96 16.36 -14.68
N ILE A 55 46.86 16.83 -15.27
CA ILE A 55 45.54 16.30 -14.94
C ILE A 55 45.35 14.95 -15.60
N THR A 56 45.97 13.92 -15.02
CA THR A 56 45.80 12.57 -15.53
C THR A 56 44.53 11.94 -14.96
N TRP A 57 44.08 10.89 -15.61
CA TRP A 57 42.84 10.21 -15.24
C TRP A 57 43.12 8.72 -15.03
N THR A 58 42.59 8.16 -13.96
CA THR A 58 42.74 6.75 -13.62
C THR A 58 41.38 6.09 -13.45
N LEU A 59 41.41 4.76 -13.40
CA LEU A 59 40.22 3.95 -13.16
C LEU A 59 40.49 3.04 -11.98
N ASP A 60 39.64 3.13 -10.95
CA ASP A 60 39.79 2.36 -9.70
C ASP A 60 41.17 2.67 -9.13
N GLN A 61 42.08 1.70 -8.99
CA GLN A 61 43.37 1.91 -8.37
C GLN A 61 44.51 1.49 -9.27
N SER A 62 44.40 1.81 -10.56
CA SER A 62 45.46 1.56 -11.52
C SER A 62 46.08 2.89 -11.92
N SER A 63 47.41 2.94 -11.95
CA SER A 63 48.11 4.15 -12.34
C SER A 63 48.10 4.38 -13.85
N GLU A 64 47.54 3.45 -14.62
CA GLU A 64 47.44 3.62 -16.07
C GLU A 64 46.63 4.87 -16.40
N VAL A 65 47.28 5.84 -17.02
CA VAL A 65 46.68 7.14 -17.28
C VAL A 65 45.92 7.09 -18.60
N LEU A 66 44.71 7.63 -18.61
CA LEU A 66 43.81 7.48 -19.75
C LEU A 66 43.37 8.80 -20.37
N GLY A 67 43.89 9.94 -19.91
CA GLY A 67 43.50 11.21 -20.48
C GLY A 67 44.01 12.41 -19.71
N SER A 68 44.00 13.58 -20.35
CA SER A 68 44.48 14.81 -19.73
C SER A 68 43.49 15.94 -20.03
N GLY A 69 43.46 16.92 -19.14
CA GLY A 69 42.55 18.04 -19.25
C GLY A 69 41.38 17.91 -18.29
N LYS A 70 40.56 18.97 -18.28
CA LYS A 70 39.40 18.98 -17.39
C LYS A 70 38.34 17.98 -17.84
N THR A 71 38.23 17.73 -19.15
CA THR A 71 37.24 16.82 -19.68
C THR A 71 37.89 15.51 -20.11
N LEU A 72 37.13 14.42 -19.97
CA LEU A 72 37.56 13.10 -20.41
C LEU A 72 36.38 12.40 -21.07
N THR A 73 36.61 11.88 -22.27
CA THR A 73 35.58 11.15 -23.01
C THR A 73 35.94 9.67 -23.05
N ILE A 74 34.99 8.82 -22.68
CA ILE A 74 35.18 7.38 -22.66
C ILE A 74 33.93 6.71 -23.22
N GLN A 75 34.13 5.56 -23.85
CA GLN A 75 33.04 4.75 -24.38
C GLN A 75 32.75 3.61 -23.41
N VAL A 76 31.57 3.63 -22.81
CA VAL A 76 31.18 2.67 -21.79
C VAL A 76 30.36 1.57 -22.47
N LYS A 77 30.94 0.37 -22.56
CA LYS A 77 30.30 -0.78 -23.19
C LYS A 77 29.98 -1.91 -22.24
N GLU A 78 30.74 -2.07 -21.16
CA GLU A 78 30.56 -3.18 -20.24
C GLU A 78 30.92 -2.71 -18.84
N PHE A 79 30.82 -3.63 -17.87
CA PHE A 79 31.13 -3.29 -16.48
C PHE A 79 32.59 -2.92 -16.31
N GLY A 80 33.48 -3.44 -17.15
CA GLY A 80 34.88 -3.07 -17.08
C GLY A 80 35.13 -1.61 -17.33
N ASP A 81 34.22 -0.93 -18.02
CA ASP A 81 34.30 0.51 -18.24
C ASP A 81 33.68 1.31 -17.11
N ALA A 82 32.89 0.67 -16.24
CA ALA A 82 32.35 1.33 -15.07
C ALA A 82 33.38 1.34 -13.94
N GLY A 83 33.11 2.15 -12.92
CA GLY A 83 33.98 2.25 -11.78
C GLY A 83 34.22 3.69 -11.41
N GLN A 84 35.21 3.90 -10.55
CA GLN A 84 35.51 5.21 -10.00
C GLN A 84 36.63 5.85 -10.82
N TYR A 85 36.30 6.89 -11.58
CA TYR A 85 37.29 7.66 -12.32
C TYR A 85 37.72 8.85 -11.48
N THR A 86 39.01 9.17 -11.56
CA THR A 86 39.62 10.17 -10.70
C THR A 86 40.53 11.06 -11.52
N CYS A 87 40.29 12.37 -11.49
CA CYS A 87 41.24 13.31 -12.08
C CYS A 87 42.33 13.62 -11.06
N HIS A 88 43.58 13.50 -11.50
CA HIS A 88 44.74 13.65 -10.65
C HIS A 88 45.61 14.80 -11.14
N LYS A 89 46.10 15.62 -10.21
CA LYS A 89 46.99 16.72 -10.54
C LYS A 89 48.20 16.68 -9.63
N GLY A 90 49.38 16.43 -10.21
CA GLY A 90 50.63 16.45 -9.48
C GLY A 90 50.66 15.53 -8.27
N GLY A 91 50.20 14.30 -8.43
CA GLY A 91 50.11 13.39 -7.32
C GLY A 91 49.08 13.74 -6.28
N GLU A 92 48.17 14.66 -6.59
CA GLU A 92 47.13 15.10 -5.66
C GLU A 92 45.77 14.89 -6.29
N VAL A 93 44.94 14.08 -5.63
CA VAL A 93 43.59 13.82 -6.10
C VAL A 93 42.75 15.09 -5.96
N LEU A 94 41.97 15.40 -6.99
CA LEU A 94 41.12 16.58 -6.98
C LEU A 94 39.63 16.27 -7.00
N SER A 95 39.20 15.31 -7.81
CA SER A 95 37.79 14.98 -7.89
C SER A 95 37.62 13.51 -8.27
N HIS A 96 36.41 13.00 -8.04
CA HIS A 96 36.07 11.61 -8.31
C HIS A 96 34.79 11.55 -9.11
N SER A 97 34.63 10.46 -9.87
CA SER A 97 33.41 10.24 -10.66
C SER A 97 33.13 8.76 -10.71
N LEU A 98 32.08 8.32 -10.04
CA LEU A 98 31.68 6.92 -10.02
C LEU A 98 30.63 6.67 -11.10
N LEU A 99 30.86 5.65 -11.92
CA LEU A 99 29.95 5.29 -13.00
C LEU A 99 29.32 3.95 -12.70
N LEU A 100 28.00 3.94 -12.54
CA LEU A 100 27.22 2.73 -12.40
C LEU A 100 26.45 2.46 -13.68
N LEU A 101 26.17 1.19 -13.94
CA LEU A 101 25.47 0.78 -15.16
C LEU A 101 24.06 0.32 -14.82
N HIS A 102 23.09 0.83 -15.55
CA HIS A 102 21.72 0.33 -15.50
C HIS A 102 21.50 -0.47 -16.79
N LYS A 103 21.55 -1.79 -16.68
CA LYS A 103 21.53 -2.64 -17.86
C LYS A 103 20.09 -2.83 -18.35
N LYS A 104 19.92 -2.72 -19.67
CA LYS A 104 18.63 -2.90 -20.31
C LYS A 104 18.79 -3.91 -21.44
N GLU A 105 17.96 -4.95 -21.45
CA GLU A 105 18.03 -6.01 -22.43
C GLU A 105 16.64 -6.24 -23.02
N ASP A 106 16.53 -6.05 -24.35
CA ASP A 106 15.27 -6.24 -25.08
C ASP A 106 14.15 -5.36 -24.54
N GLY A 107 14.48 -4.32 -23.77
CA GLY A 107 13.51 -3.38 -23.26
C GLY A 107 13.29 -3.43 -21.77
N ILE A 108 13.66 -4.52 -21.10
CA ILE A 108 13.42 -4.68 -19.67
C ILE A 108 14.72 -4.40 -18.92
N TRP A 109 14.62 -3.59 -17.87
CA TRP A 109 15.75 -3.35 -16.99
C TRP A 109 16.00 -4.58 -16.11
N SER A 110 17.26 -4.81 -15.79
CA SER A 110 17.63 -5.97 -14.99
C SER A 110 17.04 -5.85 -13.58
N THR A 111 16.67 -7.00 -13.01
CA THR A 111 16.16 -7.08 -11.65
C THR A 111 16.83 -8.25 -10.94
N ASP A 112 18.16 -8.20 -10.84
CA ASP A 112 18.94 -9.29 -10.27
C ASP A 112 19.25 -9.11 -8.79
N ILE A 113 19.19 -7.88 -8.27
CA ILE A 113 19.59 -7.64 -6.89
C ILE A 113 18.50 -8.09 -5.92
N LEU A 114 17.24 -7.75 -6.21
CA LEU A 114 16.12 -8.13 -5.35
C LEU A 114 15.47 -9.41 -5.84
N LYS A 115 14.99 -10.22 -4.91
CA LYS A 115 14.29 -11.45 -5.23
C LYS A 115 12.81 -11.18 -5.42
N ASP A 116 12.23 -11.83 -6.43
CA ASP A 116 10.81 -11.70 -6.73
C ASP A 116 10.02 -12.56 -5.76
N GLN A 117 9.23 -11.91 -4.89
CA GLN A 117 8.41 -12.67 -3.95
C GLN A 117 7.24 -13.34 -4.64
N LYS A 118 6.80 -12.79 -5.78
CA LYS A 118 5.81 -13.36 -6.68
C LYS A 118 4.43 -13.47 -6.06
N GLU A 119 4.19 -12.82 -4.93
CA GLU A 119 2.86 -12.71 -4.35
C GLU A 119 2.70 -11.31 -3.78
N PRO A 120 1.48 -10.74 -3.86
CA PRO A 120 0.25 -11.32 -4.42
C PRO A 120 0.28 -11.52 -5.93
N LYS A 121 1.15 -10.80 -6.63
CA LYS A 121 1.27 -10.89 -8.08
C LYS A 121 2.72 -11.13 -8.47
N ASN A 122 2.91 -11.54 -9.72
CA ASN A 122 4.26 -11.72 -10.26
C ASN A 122 4.97 -10.37 -10.37
N LYS A 123 6.30 -10.42 -10.38
CA LYS A 123 7.14 -9.23 -10.42
C LYS A 123 6.91 -8.34 -9.19
N THR A 124 6.69 -8.97 -8.04
CA THR A 124 6.55 -8.26 -6.77
C THR A 124 7.88 -8.36 -6.05
N PHE A 125 8.64 -7.25 -6.06
CA PHE A 125 9.92 -7.18 -5.37
C PHE A 125 9.83 -6.48 -4.02
N LEU A 126 8.92 -5.53 -3.88
CA LEU A 126 8.71 -4.79 -2.64
C LEU A 126 7.32 -5.07 -2.11
N ARG A 127 7.23 -5.37 -0.82
CA ARG A 127 5.95 -5.60 -0.16
C ARG A 127 5.87 -4.68 1.04
N CYS A 128 4.73 -4.02 1.20
CA CYS A 128 4.54 -3.02 2.25
C CYS A 128 3.32 -3.37 3.08
N GLU A 129 3.28 -2.84 4.30
CA GLU A 129 2.24 -3.19 5.26
C GLU A 129 2.06 -2.03 6.24
N ALA A 130 0.80 -1.82 6.65
CA ALA A 130 0.46 -0.79 7.62
C ALA A 130 -0.41 -1.40 8.71
N LYS A 131 -0.23 -0.92 9.93
CA LYS A 131 -1.01 -1.39 11.08
C LYS A 131 -2.20 -0.51 11.40
N ASN A 132 -2.33 0.65 10.74
CA ASN A 132 -3.41 1.59 11.00
C ASN A 132 -3.49 2.55 9.82
N TYR A 133 -4.34 3.57 9.95
CA TYR A 133 -4.54 4.56 8.90
C TYR A 133 -3.73 5.84 9.14
N SER A 134 -2.73 5.79 10.03
CA SER A 134 -1.99 7.00 10.39
C SER A 134 -1.11 7.52 9.27
N GLY A 135 -0.93 6.77 8.19
CA GLY A 135 -0.01 7.15 7.14
C GLY A 135 1.38 6.55 7.29
N ARG A 136 1.66 5.89 8.41
CA ARG A 136 2.93 5.21 8.62
C ARG A 136 2.84 3.78 8.11
N PHE A 137 3.90 3.32 7.45
CA PHE A 137 3.93 1.98 6.89
C PHE A 137 5.36 1.51 6.80
N THR A 138 5.52 0.19 6.63
CA THR A 138 6.82 -0.44 6.51
C THR A 138 6.86 -1.26 5.23
N CYS A 139 7.99 -1.23 4.54
CA CYS A 139 8.20 -2.02 3.34
C CYS A 139 9.43 -2.90 3.51
N TRP A 140 9.33 -4.12 3.00
N TRP A 140 9.34 -4.13 3.00
CA TRP A 140 10.38 -5.13 3.10
CA TRP A 140 10.44 -5.07 3.10
C TRP A 140 10.78 -5.62 1.71
C TRP A 140 10.77 -5.64 1.73
N TRP A 141 12.00 -6.14 1.60
CA TRP A 141 12.45 -6.78 0.37
C TRP A 141 13.58 -7.74 0.71
N LEU A 142 13.81 -8.69 -0.19
CA LEU A 142 14.74 -9.78 0.03
C LEU A 142 15.82 -9.81 -1.04
N THR A 143 16.93 -10.47 -0.71
CA THR A 143 18.05 -10.62 -1.63
C THR A 143 18.94 -11.75 -1.16
N THR A 144 19.60 -12.41 -2.11
CA THR A 144 20.59 -13.43 -1.80
C THR A 144 21.99 -12.87 -1.65
N ILE A 145 22.19 -11.60 -2.00
CA ILE A 145 23.49 -10.96 -1.90
C ILE A 145 23.75 -10.56 -0.46
N SER A 146 25.01 -10.70 -0.01
CA SER A 146 25.36 -10.47 1.37
C SER A 146 26.23 -9.25 1.61
N THR A 147 26.92 -8.74 0.58
CA THR A 147 27.84 -7.64 0.76
C THR A 147 27.78 -6.69 -0.44
N ASP A 148 28.38 -5.52 -0.27
CA ASP A 148 28.51 -4.51 -1.33
C ASP A 148 27.15 -3.99 -1.80
N LEU A 149 26.17 -3.95 -0.89
CA LEU A 149 24.82 -3.51 -1.21
C LEU A 149 24.58 -2.11 -0.65
N THR A 150 23.86 -1.30 -1.42
CA THR A 150 23.47 0.04 -1.01
C THR A 150 22.03 0.27 -1.45
N PHE A 151 21.15 0.60 -0.51
CA PHE A 151 19.75 0.85 -0.80
C PHE A 151 19.39 2.28 -0.40
N SER A 152 18.49 2.88 -1.17
CA SER A 152 17.98 4.22 -0.92
C SER A 152 16.50 4.23 -1.26
N VAL A 153 15.68 4.72 -0.34
CA VAL A 153 14.22 4.64 -0.44
C VAL A 153 13.65 6.05 -0.45
N LYS A 154 12.72 6.29 -1.38
CA LYS A 154 11.96 7.54 -1.44
C LYS A 154 10.50 7.21 -1.71
N SER A 155 9.62 8.09 -1.26
CA SER A 155 8.19 7.83 -1.39
C SER A 155 7.44 9.15 -1.58
N SER A 156 6.22 9.04 -2.09
CA SER A 156 5.34 10.16 -2.33
C SER A 156 3.93 9.63 -2.58
N ARG A 157 2.94 10.48 -2.32
CA ARG A 157 1.56 10.21 -2.70
C ARG A 157 1.24 11.02 -3.96
N GLY A 158 0.88 10.32 -5.02
CA GLY A 158 0.72 10.95 -6.31
C GLY A 158 2.03 11.06 -7.07
N SER A 159 1.91 11.14 -8.39
CA SER A 159 3.06 11.26 -9.28
C SER A 159 3.15 12.60 -9.98
N SER A 160 2.02 13.14 -10.44
CA SER A 160 1.99 14.44 -11.09
C SER A 160 2.43 15.53 -10.12
N ASP A 161 1.60 15.82 -9.12
CA ASP A 161 1.92 16.75 -8.04
C ASP A 161 2.19 15.93 -6.78
N PRO A 162 3.45 15.52 -6.56
CA PRO A 162 3.71 14.57 -5.45
C PRO A 162 3.53 15.23 -4.10
N GLN A 163 2.83 14.53 -3.22
CA GLN A 163 2.70 14.94 -1.82
C GLN A 163 3.79 14.27 -1.00
N GLY A 164 4.19 14.96 0.08
CA GLY A 164 5.39 14.55 0.81
C GLY A 164 5.18 13.27 1.61
N VAL A 165 6.12 12.33 1.46
CA VAL A 165 6.23 11.16 2.32
C VAL A 165 7.68 11.03 2.73
N THR A 166 7.93 10.86 4.02
CA THR A 166 9.27 10.79 4.58
C THR A 166 9.61 9.35 4.94
N CYS A 167 10.73 8.86 4.42
CA CYS A 167 11.21 7.52 4.69
C CYS A 167 12.53 7.56 5.43
N GLY A 168 12.74 6.56 6.28
CA GLY A 168 13.99 6.39 6.99
C GLY A 168 15.00 5.62 6.17
N ALA A 169 16.03 5.13 6.86
CA ALA A 169 17.10 4.37 6.21
C ALA A 169 16.72 2.90 6.11
N ALA A 170 17.13 2.27 5.01
CA ALA A 170 16.94 0.84 4.84
C ALA A 170 18.02 0.08 5.59
N THR A 171 17.60 -0.86 6.44
CA THR A 171 18.53 -1.63 7.25
C THR A 171 18.22 -3.12 7.11
N LEU A 172 19.22 -3.94 7.40
CA LEU A 172 19.07 -5.38 7.43
C LEU A 172 18.23 -5.79 8.64
N SER A 173 17.08 -6.42 8.39
CA SER A 173 16.13 -6.73 9.45
C SER A 173 16.05 -8.22 9.80
N ALA A 174 16.33 -9.11 8.85
CA ALA A 174 16.25 -10.54 9.13
C ALA A 174 17.20 -11.30 8.22
N GLU A 175 17.46 -12.55 8.58
CA GLU A 175 18.36 -13.41 7.81
C GLU A 175 17.90 -14.85 7.98
N ARG A 176 17.34 -15.42 6.92
CA ARG A 176 16.84 -16.79 6.95
C ARG A 176 17.64 -17.65 5.98
N VAL A 177 17.60 -18.96 6.20
CA VAL A 177 18.27 -19.93 5.34
C VAL A 177 17.18 -20.65 4.55
N ARG A 178 17.11 -20.35 3.25
CA ARG A 178 16.15 -21.00 2.35
C ARG A 178 16.94 -21.85 1.37
N GLY A 179 16.81 -23.17 1.52
CA GLY A 179 17.64 -24.07 0.73
C GLY A 179 19.07 -24.04 1.22
N ASP A 180 20.01 -24.13 0.28
CA ASP A 180 21.43 -24.03 0.64
C ASP A 180 21.84 -22.60 0.92
N ASN A 181 21.33 -21.64 0.14
CA ASN A 181 21.71 -20.24 0.29
C ASN A 181 20.90 -19.58 1.40
N LYS A 182 21.31 -18.36 1.74
CA LYS A 182 20.67 -17.58 2.80
C LYS A 182 19.93 -16.38 2.20
N GLU A 183 18.74 -16.13 2.71
CA GLU A 183 17.97 -14.94 2.33
C GLU A 183 18.24 -13.81 3.31
N TYR A 184 18.43 -12.61 2.76
CA TYR A 184 18.67 -11.41 3.56
C TYR A 184 17.49 -10.46 3.39
N GLU A 185 16.90 -10.04 4.50
CA GLU A 185 15.72 -9.19 4.51
C GLU A 185 16.09 -7.78 4.92
N TYR A 186 15.66 -6.80 4.12
CA TYR A 186 15.86 -5.39 4.41
C TYR A 186 14.50 -4.72 4.59
N SER A 187 14.45 -3.74 5.50
CA SER A 187 13.21 -3.05 5.82
C SER A 187 13.45 -1.55 5.90
N VAL A 188 12.36 -0.79 5.76
CA VAL A 188 12.39 0.65 5.87
C VAL A 188 11.03 1.13 6.35
N GLU A 189 11.03 2.20 7.13
CA GLU A 189 9.82 2.78 7.68
C GLU A 189 9.57 4.14 7.02
N CYS A 190 8.33 4.36 6.59
CA CYS A 190 7.95 5.61 5.94
C CYS A 190 6.71 6.16 6.61
N GLN A 191 6.51 7.48 6.46
CA GLN A 191 5.38 8.17 7.06
C GLN A 191 4.93 9.29 6.12
N GLU A 192 3.65 9.29 5.78
CA GLU A 192 3.09 10.38 4.99
C GLU A 192 3.14 11.67 5.80
N ASP A 193 3.66 12.74 5.17
CA ASP A 193 3.92 13.98 5.91
C ASP A 193 2.63 14.60 6.43
N SER A 194 1.61 14.71 5.57
CA SER A 194 0.33 15.30 5.94
C SER A 194 -0.76 14.26 5.68
N ALA A 195 -0.91 13.33 6.62
CA ALA A 195 -1.84 12.22 6.47
C ALA A 195 -3.24 12.61 6.91
N CYS A 196 -4.23 12.00 6.27
CA CYS A 196 -5.64 12.16 6.62
C CYS A 196 -6.21 10.76 6.79
N PRO A 197 -6.20 10.23 8.02
CA PRO A 197 -6.57 8.82 8.21
C PRO A 197 -7.99 8.48 7.79
N ALA A 198 -8.93 9.41 7.93
CA ALA A 198 -10.34 9.11 7.68
C ALA A 198 -10.78 9.33 6.24
N ALA A 199 -9.94 9.96 5.42
CA ALA A 199 -10.34 10.29 4.06
C ALA A 199 -10.28 9.06 3.16
N GLU A 200 -11.05 9.11 2.08
CA GLU A 200 -11.01 8.08 1.05
C GLU A 200 -9.87 8.39 0.08
N GLU A 201 -8.89 7.51 0.01
CA GLU A 201 -7.72 7.75 -0.82
C GLU A 201 -8.10 7.71 -2.30
N SER A 202 -7.61 8.69 -3.06
CA SER A 202 -7.78 8.73 -4.50
C SER A 202 -6.47 8.61 -5.26
N LEU A 203 -5.35 9.03 -4.67
CA LEU A 203 -4.04 8.89 -5.26
C LEU A 203 -3.24 7.87 -4.48
N PRO A 204 -2.61 6.89 -5.13
CA PRO A 204 -1.86 5.86 -4.40
C PRO A 204 -0.51 6.40 -3.92
N ILE A 205 0.01 5.73 -2.89
CA ILE A 205 1.36 6.01 -2.42
C ILE A 205 2.34 5.25 -3.30
N GLU A 206 3.40 5.94 -3.72
CA GLU A 206 4.46 5.35 -4.53
C GLU A 206 5.71 5.19 -3.67
N VAL A 207 6.31 4.01 -3.71
CA VAL A 207 7.55 3.72 -3.01
C VAL A 207 8.61 3.39 -4.05
N MET A 208 9.74 4.09 -3.99
CA MET A 208 10.82 3.93 -4.95
C MET A 208 12.10 3.56 -4.20
N VAL A 209 12.76 2.49 -4.63
CA VAL A 209 13.94 1.96 -3.97
C VAL A 209 15.05 1.83 -5.00
N ASP A 210 16.15 2.55 -4.78
CA ASP A 210 17.35 2.39 -5.57
C ASP A 210 18.22 1.29 -4.97
N ALA A 211 18.76 0.43 -5.83
CA ALA A 211 19.58 -0.70 -5.40
C ALA A 211 20.88 -0.72 -6.18
N VAL A 212 21.99 -0.79 -5.46
CA VAL A 212 23.33 -0.81 -6.05
C VAL A 212 24.08 -2.02 -5.50
N HIS A 213 24.56 -2.88 -6.40
CA HIS A 213 25.43 -4.00 -6.05
C HIS A 213 26.72 -3.82 -6.85
N LYS A 214 27.75 -3.37 -6.15
CA LYS A 214 29.02 -3.00 -6.79
C LYS A 214 28.79 -1.92 -7.83
N LEU A 215 28.97 -2.23 -9.11
CA LEU A 215 28.79 -1.24 -10.16
C LEU A 215 27.44 -1.35 -10.86
N LYS A 216 26.58 -2.25 -10.44
CA LYS A 216 25.27 -2.43 -11.06
C LYS A 216 24.21 -1.61 -10.33
N TYR A 217 23.48 -0.79 -11.08
CA TYR A 217 22.38 0.00 -10.54
C TYR A 217 21.04 -0.57 -11.03
N GLU A 218 20.10 -0.67 -10.11
CA GLU A 218 18.72 -1.05 -10.42
C GLU A 218 17.79 -0.25 -9.53
N ASN A 219 16.51 -0.21 -9.89
CA ASN A 219 15.53 0.38 -9.00
C ASN A 219 14.20 -0.32 -9.16
N TYR A 220 13.38 -0.23 -8.11
CA TYR A 220 12.13 -0.93 -8.00
C TYR A 220 11.08 0.03 -7.46
N THR A 221 9.83 -0.18 -7.84
CA THR A 221 8.72 0.68 -7.43
CA THR A 221 8.73 0.66 -7.41
C THR A 221 7.54 -0.18 -6.96
N SER A 222 6.75 0.40 -6.08
CA SER A 222 5.53 -0.22 -5.56
C SER A 222 4.48 0.88 -5.39
N SER A 223 3.26 0.59 -5.79
N SER A 223 3.25 0.58 -5.79
CA SER A 223 2.15 1.54 -5.72
CA SER A 223 2.15 1.52 -5.73
C SER A 223 0.98 0.89 -5.02
C SER A 223 0.98 0.87 -5.01
N PHE A 224 0.39 1.60 -4.06
CA PHE A 224 -0.68 1.04 -3.24
C PHE A 224 -1.44 2.16 -2.55
N PHE A 225 -2.65 1.84 -2.13
CA PHE A 225 -3.38 2.65 -1.16
C PHE A 225 -3.14 2.10 0.24
N ILE A 226 -3.13 2.99 1.23
CA ILE A 226 -2.92 2.58 2.61
C ILE A 226 -3.96 1.55 3.03
N ARG A 227 -5.21 1.75 2.58
CA ARG A 227 -6.30 0.84 2.98
C ARG A 227 -6.07 -0.57 2.48
N ASP A 228 -5.32 -0.73 1.38
CA ASP A 228 -5.13 -2.06 0.79
C ASP A 228 -3.99 -2.84 1.42
N ILE A 229 -3.12 -2.18 2.18
CA ILE A 229 -2.02 -2.86 2.85
C ILE A 229 -2.23 -2.91 4.36
N ILE A 230 -3.45 -2.66 4.82
CA ILE A 230 -3.75 -2.69 6.24
C ILE A 230 -3.64 -4.12 6.76
N LYS A 231 -2.92 -4.30 7.86
CA LYS A 231 -2.94 -5.53 8.62
C LYS A 231 -2.88 -5.16 10.10
N PRO A 232 -4.00 -5.24 10.81
CA PRO A 232 -4.01 -4.84 12.22
C PRO A 232 -3.13 -5.74 13.07
N ASP A 233 -2.71 -5.21 14.21
CA ASP A 233 -2.06 -6.04 15.20
C ASP A 233 -3.06 -7.03 15.78
N PRO A 234 -2.59 -8.13 16.37
CA PRO A 234 -3.51 -9.14 16.92
C PRO A 234 -4.35 -8.54 18.03
N PRO A 235 -5.51 -9.14 18.32
CA PRO A 235 -6.29 -8.72 19.49
C PRO A 235 -5.47 -8.87 20.76
N LYS A 236 -5.63 -7.90 21.66
CA LYS A 236 -4.82 -7.85 22.88
C LYS A 236 -5.65 -8.27 24.09
N ASN A 237 -4.95 -8.77 25.11
CA ASN A 237 -5.55 -9.15 26.39
C ASN A 237 -6.64 -10.19 26.19
N LEU A 238 -6.30 -11.26 25.48
CA LEU A 238 -7.23 -12.36 25.26
C LEU A 238 -7.33 -13.21 26.52
N GLN A 239 -8.54 -13.29 27.08
CA GLN A 239 -8.77 -13.99 28.33
C GLN A 239 -9.98 -14.91 28.22
N LEU A 240 -10.03 -15.88 29.12
CA LEU A 240 -11.12 -16.85 29.20
C LEU A 240 -11.71 -16.84 30.59
N LYS A 241 -13.03 -17.04 30.67
CA LYS A 241 -13.75 -17.06 31.95
C LYS A 241 -14.76 -18.19 31.90
N PRO A 242 -14.42 -19.37 32.43
CA PRO A 242 -15.38 -20.48 32.46
C PRO A 242 -16.65 -20.14 33.23
N LEU A 243 -17.72 -20.84 32.87
CA LEU A 243 -19.02 -20.70 33.50
C LEU A 243 -19.47 -22.04 34.06
N LYS A 244 -20.47 -21.99 34.93
CA LYS A 244 -21.04 -23.21 35.51
C LYS A 244 -22.55 -23.23 35.41
N SER A 246 -20.67 -25.35 32.99
CA SER A 246 -20.58 -26.29 31.89
C SER A 246 -19.24 -26.13 31.16
N ARG A 247 -19.20 -26.60 29.92
CA ARG A 247 -18.04 -26.38 29.06
C ARG A 247 -18.01 -24.98 28.46
N GLN A 248 -19.04 -24.18 28.71
CA GLN A 248 -19.07 -22.81 28.21
C GLN A 248 -17.98 -21.97 28.84
N VAL A 249 -17.50 -20.99 28.09
CA VAL A 249 -16.45 -20.09 28.54
C VAL A 249 -16.64 -18.74 27.87
N GLU A 250 -16.49 -17.67 28.65
CA GLU A 250 -16.64 -16.31 28.15
C GLU A 250 -15.28 -15.80 27.68
N VAL A 251 -15.15 -15.61 26.38
CA VAL A 251 -13.92 -15.10 25.77
C VAL A 251 -14.03 -13.59 25.65
N SER A 252 -12.95 -12.89 26.00
CA SER A 252 -12.92 -11.44 25.92
C SER A 252 -11.54 -10.99 25.44
N TRP A 253 -11.54 -9.86 24.72
CA TRP A 253 -10.30 -9.29 24.19
C TRP A 253 -10.52 -7.80 24.00
N GLU A 254 -9.48 -7.12 23.52
CA GLU A 254 -9.51 -5.69 23.32
C GLU A 254 -8.86 -5.35 21.98
N TYR A 255 -9.18 -4.16 21.47
CA TYR A 255 -8.53 -3.65 20.28
C TYR A 255 -7.03 -3.51 20.54
N PRO A 256 -6.20 -3.71 19.52
CA PRO A 256 -4.76 -3.49 19.70
C PRO A 256 -4.45 -2.01 19.85
N ASP A 257 -3.33 -1.74 20.53
CA ASP A 257 -2.96 -0.36 20.83
C ASP A 257 -2.61 0.43 19.57
N THR A 258 -2.09 -0.24 18.54
CA THR A 258 -1.66 0.45 17.33
C THR A 258 -2.79 0.78 16.38
N TRP A 259 -4.01 0.30 16.63
CA TRP A 259 -5.10 0.54 15.71
C TRP A 259 -5.57 1.99 15.78
N SER A 260 -6.15 2.46 14.68
CA SER A 260 -6.59 3.84 14.59
C SER A 260 -7.74 4.13 15.55
N THR A 261 -7.75 5.34 16.11
CA THR A 261 -8.76 5.82 17.03
C THR A 261 -9.50 7.00 16.44
N PRO A 262 -10.78 7.22 16.81
CA PRO A 262 -11.57 6.46 17.77
C PRO A 262 -12.11 5.16 17.19
N HIS A 263 -12.32 4.17 18.07
CA HIS A 263 -12.79 2.85 17.62
C HIS A 263 -14.24 2.87 17.15
N SER A 264 -15.03 3.85 17.61
CA SER A 264 -16.39 4.00 17.11
C SER A 264 -16.41 4.39 15.63
N TYR A 265 -15.29 4.89 15.12
CA TYR A 265 -15.15 5.22 13.70
C TYR A 265 -14.38 4.13 12.95
N PHE A 266 -13.14 3.87 13.37
CA PHE A 266 -12.33 2.81 12.76
C PHE A 266 -12.64 1.50 13.48
N SER A 267 -13.74 0.88 13.07
CA SER A 267 -14.21 -0.34 13.72
C SER A 267 -13.48 -1.56 13.19
N LEU A 268 -13.34 -2.57 14.04
CA LEU A 268 -12.76 -3.85 13.69
C LEU A 268 -13.82 -4.95 13.78
N THR A 269 -13.63 -5.99 12.98
CA THR A 269 -14.42 -7.21 13.11
C THR A 269 -13.48 -8.37 13.45
N PHE A 270 -14.03 -9.41 14.04
CA PHE A 270 -13.22 -10.46 14.64
C PHE A 270 -13.70 -11.84 14.21
N CYS A 271 -12.78 -12.80 14.27
CA CYS A 271 -13.06 -14.20 14.04
C CYS A 271 -12.56 -14.99 15.23
N VAL A 272 -13.47 -15.70 15.91
CA VAL A 272 -13.14 -16.51 17.07
C VAL A 272 -13.10 -17.97 16.64
N GLN A 273 -12.03 -18.67 17.00
CA GLN A 273 -11.81 -20.03 16.55
C GLN A 273 -11.51 -20.93 17.74
N VAL A 274 -12.18 -22.08 17.79
CA VAL A 274 -11.91 -23.13 18.76
C VAL A 274 -11.32 -24.30 17.99
N GLN A 275 -10.02 -24.56 18.20
CA GLN A 275 -9.32 -25.58 17.44
C GLN A 275 -8.43 -26.40 18.36
N GLY A 276 -8.38 -27.70 18.10
CA GLY A 276 -7.46 -28.59 18.77
C GLY A 276 -6.60 -29.30 17.74
N LYS A 277 -5.34 -29.56 18.11
CA LYS A 277 -4.41 -30.20 17.19
C LYS A 277 -4.55 -31.72 17.23
N LYS A 282 -10.67 -30.51 13.70
CA LYS A 282 -11.83 -29.71 13.34
C LYS A 282 -11.59 -28.23 13.61
N LYS A 283 -12.49 -27.38 13.12
CA LYS A 283 -12.35 -25.93 13.26
C LYS A 283 -13.73 -25.31 13.43
N ASP A 284 -14.00 -24.77 14.62
CA ASP A 284 -15.23 -24.04 14.90
C ASP A 284 -14.91 -22.54 14.86
N ARG A 285 -15.43 -21.85 13.85
CA ARG A 285 -15.18 -20.43 13.67
C ARG A 285 -16.47 -19.63 13.87
N VAL A 286 -16.34 -18.50 14.55
CA VAL A 286 -17.45 -17.59 14.82
C VAL A 286 -16.99 -16.18 14.45
N PHE A 287 -17.86 -15.45 13.74
CA PHE A 287 -17.56 -14.09 13.31
C PHE A 287 -18.45 -13.12 14.08
N THR A 288 -17.83 -12.11 14.69
CA THR A 288 -18.56 -11.19 15.54
C THR A 288 -17.91 -9.81 15.47
N ASP A 289 -18.71 -8.79 15.76
CA ASP A 289 -18.22 -7.42 15.85
C ASP A 289 -17.98 -6.96 17.28
N LYS A 290 -18.42 -7.73 18.27
CA LYS A 290 -18.15 -7.42 19.66
C LYS A 290 -16.73 -7.84 20.02
N THR A 291 -16.28 -7.40 21.19
CA THR A 291 -14.99 -7.80 21.74
C THR A 291 -15.13 -8.95 22.74
N SER A 292 -16.17 -9.76 22.59
CA SER A 292 -16.40 -10.88 23.50
C SER A 292 -17.23 -11.94 22.79
N ALA A 293 -17.14 -13.17 23.30
CA ALA A 293 -17.90 -14.29 22.75
C ALA A 293 -17.92 -15.41 23.77
N THR A 294 -18.87 -16.32 23.59
CA THR A 294 -19.02 -17.50 24.43
C THR A 294 -18.91 -18.74 23.56
N VAL A 295 -17.95 -19.61 23.87
CA VAL A 295 -17.66 -20.79 23.08
C VAL A 295 -17.59 -22.00 24.01
N ILE A 296 -17.34 -23.17 23.41
CA ILE A 296 -17.22 -24.44 24.14
C ILE A 296 -15.77 -24.88 24.05
N CYS A 297 -15.13 -25.06 25.21
CA CYS A 297 -13.76 -25.56 25.27
C CYS A 297 -13.75 -27.08 25.26
N ARG A 298 -12.57 -27.64 24.99
CA ARG A 298 -12.37 -29.09 25.03
C ARG A 298 -10.90 -29.37 25.28
N LYS A 299 -10.59 -30.65 25.44
CA LYS A 299 -9.27 -31.06 25.90
C LYS A 299 -8.21 -30.76 24.84
N ASP A 300 -7.13 -30.12 25.27
CA ASP A 300 -5.97 -29.82 24.42
C ASP A 300 -6.37 -29.02 23.18
N ALA A 301 -7.29 -28.07 23.37
CA ALA A 301 -7.72 -27.17 22.31
C ALA A 301 -7.46 -25.73 22.74
N SER A 302 -7.31 -24.86 21.75
CA SER A 302 -7.00 -23.46 21.97
C SER A 302 -8.11 -22.58 21.40
N ILE A 303 -8.25 -21.39 21.97
CA ILE A 303 -9.18 -20.38 21.48
C ILE A 303 -8.36 -19.24 20.90
N SER A 304 -8.58 -18.96 19.62
CA SER A 304 -7.81 -17.96 18.90
C SER A 304 -8.74 -16.90 18.31
N VAL A 305 -8.29 -15.65 18.34
CA VAL A 305 -9.04 -14.52 17.81
C VAL A 305 -8.11 -13.68 16.95
N ARG A 306 -8.60 -13.25 15.79
CA ARG A 306 -7.87 -12.32 14.94
C ARG A 306 -8.83 -11.23 14.47
N ALA A 307 -8.26 -10.12 14.00
CA ALA A 307 -9.02 -8.92 13.71
C ALA A 307 -8.83 -8.50 12.25
N GLN A 308 -9.81 -7.74 11.76
CA GLN A 308 -9.81 -7.22 10.41
C GLN A 308 -10.64 -5.94 10.39
N ASP A 309 -10.26 -4.99 9.53
CA ASP A 309 -11.07 -3.81 9.31
C ASP A 309 -12.50 -4.22 8.98
N ARG A 310 -13.45 -3.63 9.70
CA ARG A 310 -14.83 -4.11 9.63
C ARG A 310 -15.45 -3.81 8.27
N TYR A 311 -15.13 -2.66 7.67
CA TYR A 311 -15.83 -2.18 6.50
C TYR A 311 -15.04 -2.33 5.21
N TYR A 312 -13.78 -2.76 5.27
CA TYR A 312 -12.95 -2.91 4.08
C TYR A 312 -12.11 -4.16 4.24
N SER A 313 -12.23 -5.09 3.30
CA SER A 313 -11.67 -6.43 3.44
C SER A 313 -10.17 -6.40 3.09
N SER A 314 -9.37 -5.98 4.06
CA SER A 314 -7.93 -6.05 3.96
C SER A 314 -7.45 -7.30 4.69
N SER A 315 -6.18 -7.33 5.08
CA SER A 315 -5.59 -8.54 5.64
C SER A 315 -6.10 -8.78 7.07
N TRP A 316 -6.27 -10.06 7.41
CA TRP A 316 -6.55 -10.43 8.79
C TRP A 316 -5.28 -10.29 9.63
N SER A 317 -5.47 -9.98 10.91
CA SER A 317 -4.35 -9.91 11.83
C SER A 317 -3.82 -11.32 12.11
N GLU A 318 -2.65 -11.36 12.74
CA GLU A 318 -2.15 -12.63 13.26
C GLU A 318 -3.06 -13.13 14.37
N TRP A 319 -3.07 -14.45 14.55
CA TRP A 319 -3.88 -15.03 15.61
C TRP A 319 -3.35 -14.65 16.98
N ALA A 320 -4.25 -14.25 17.87
CA ALA A 320 -3.99 -14.20 19.30
C ALA A 320 -4.65 -15.42 19.93
N SER A 321 -3.88 -16.19 20.70
CA SER A 321 -4.33 -17.51 21.14
C SER A 321 -4.09 -17.69 22.63
N VAL A 322 -4.96 -18.48 23.25
CA VAL A 322 -4.85 -18.85 24.65
C VAL A 322 -5.41 -20.26 24.80
N PRO A 323 -4.74 -21.16 25.51
CA PRO A 323 -5.23 -22.53 25.62
C PRO A 323 -6.41 -22.65 26.58
N CYS A 324 -7.25 -23.66 26.33
CA CYS A 324 -8.35 -23.94 27.22
C CYS A 324 -7.83 -24.46 28.56
N SER A 325 -8.64 -24.26 29.59
CA SER A 325 -8.32 -24.72 30.94
C SER A 325 -6.99 -24.15 31.43
N SER B 28 -31.03 15.19 12.51
CA SER B 28 -31.85 15.34 11.31
C SER B 28 -31.89 14.08 10.43
N PRO B 29 -30.77 13.35 10.26
CA PRO B 29 -30.85 12.08 9.53
C PRO B 29 -31.02 10.89 10.46
N ALA B 30 -31.74 9.87 10.01
CA ALA B 30 -31.89 8.64 10.78
C ALA B 30 -30.56 7.91 10.84
N TRP B 31 -29.78 8.17 11.90
CA TRP B 31 -28.41 7.64 11.97
C TRP B 31 -28.40 6.12 11.97
N THR B 32 -29.25 5.50 12.80
CA THR B 32 -29.24 4.05 12.90
C THR B 32 -29.74 3.39 11.62
N GLN B 33 -30.68 4.02 10.92
CA GLN B 33 -31.08 3.51 9.61
C GLN B 33 -29.95 3.63 8.61
N CYS B 34 -29.24 4.76 8.62
CA CYS B 34 -28.12 4.94 7.70
C CYS B 34 -26.98 3.98 8.03
N GLN B 35 -26.73 3.73 9.32
CA GLN B 35 -25.72 2.75 9.70
C GLN B 35 -26.07 1.36 9.17
N GLN B 36 -27.33 0.96 9.27
CA GLN B 36 -27.73 -0.35 8.79
C GLN B 36 -27.61 -0.46 7.27
N LEU B 37 -28.04 0.57 6.55
CA LEU B 37 -27.95 0.52 5.09
C LEU B 37 -26.51 0.60 4.61
N SER B 38 -25.70 1.48 5.22
CA SER B 38 -24.32 1.61 4.80
C SER B 38 -23.53 0.34 5.11
N GLN B 39 -23.86 -0.35 6.20
CA GLN B 39 -23.22 -1.63 6.49
C GLN B 39 -23.60 -2.68 5.45
N LYS B 40 -24.86 -2.69 5.03
CA LYS B 40 -25.27 -3.60 3.96
C LYS B 40 -24.61 -3.26 2.64
N LEU B 41 -24.30 -1.98 2.41
CA LEU B 41 -23.60 -1.59 1.19
C LEU B 41 -22.20 -2.19 1.15
N CYS B 42 -21.48 -2.14 2.27
CA CYS B 42 -20.14 -2.72 2.30
C CYS B 42 -20.17 -4.22 2.04
N THR B 43 -21.16 -4.91 2.59
CA THR B 43 -21.29 -6.35 2.35
C THR B 43 -21.57 -6.64 0.88
N LEU B 44 -22.52 -5.91 0.29
CA LEU B 44 -22.87 -6.13 -1.10
C LEU B 44 -21.74 -5.72 -2.04
N ALA B 45 -21.02 -4.64 -1.69
CA ALA B 45 -19.95 -4.17 -2.56
C ALA B 45 -18.82 -5.18 -2.67
N TRP B 46 -18.53 -5.90 -1.59
CA TRP B 46 -17.50 -6.92 -1.61
C TRP B 46 -18.02 -8.28 -2.08
N SER B 47 -19.33 -8.52 -2.00
CA SER B 47 -19.88 -9.72 -2.61
C SER B 47 -19.86 -9.64 -4.13
N ALA B 48 -19.97 -8.44 -4.69
CA ALA B 48 -19.93 -8.26 -6.13
C ALA B 48 -18.52 -8.43 -6.69
N HIS B 49 -17.52 -7.91 -5.98
CA HIS B 49 -16.12 -7.96 -6.41
C HIS B 49 -15.27 -8.47 -5.26
N PRO B 50 -15.30 -9.78 -4.98
CA PRO B 50 -14.51 -10.38 -3.89
C PRO B 50 -13.02 -10.38 -4.19
N ASN B 67 -10.46 9.89 -11.52
CA ASN B 67 -10.27 11.21 -12.11
C ASN B 67 -11.50 12.10 -11.84
N ASP B 68 -12.54 11.91 -12.64
CA ASP B 68 -13.80 12.64 -12.47
C ASP B 68 -14.70 12.01 -11.41
N VAL B 69 -14.16 11.15 -10.55
CA VAL B 69 -14.94 10.44 -9.55
C VAL B 69 -14.99 11.28 -8.28
N PRO B 70 -16.15 11.42 -7.65
CA PRO B 70 -16.20 12.11 -6.35
C PRO B 70 -15.59 11.24 -5.25
N HIS B 71 -14.84 11.88 -4.37
CA HIS B 71 -14.17 11.19 -3.28
C HIS B 71 -14.42 11.92 -1.96
N ILE B 72 -14.43 11.15 -0.87
CA ILE B 72 -14.49 11.72 0.46
C ILE B 72 -13.12 12.26 0.81
N GLN B 73 -12.86 13.52 0.44
CA GLN B 73 -11.55 14.11 0.62
C GLN B 73 -11.37 14.57 2.07
N CYS B 74 -10.17 15.07 2.38
CA CYS B 74 -9.84 15.41 3.75
C CYS B 74 -10.64 16.61 4.25
N GLY B 75 -10.84 17.61 3.40
CA GLY B 75 -11.53 18.81 3.80
C GLY B 75 -13.04 18.73 3.67
N ASP B 76 -13.58 17.51 3.62
CA ASP B 76 -15.01 17.30 3.49
C ASP B 76 -15.71 17.08 4.83
N GLY B 77 -14.95 17.01 5.93
CA GLY B 77 -15.54 16.95 7.24
C GLY B 77 -16.17 15.64 7.61
N CYS B 78 -15.74 14.53 7.01
CA CYS B 78 -16.24 13.21 7.38
C CYS B 78 -15.41 12.56 8.48
N ASP B 79 -14.36 13.21 8.95
CA ASP B 79 -13.61 12.72 10.09
C ASP B 79 -14.42 12.94 11.37
N PRO B 80 -14.07 12.26 12.46
CA PRO B 80 -14.84 12.44 13.72
C PRO B 80 -14.98 13.88 14.17
N GLN B 81 -13.89 14.66 14.16
CA GLN B 81 -13.99 16.05 14.58
C GLN B 81 -14.85 16.86 13.62
N GLY B 82 -14.78 16.56 12.33
CA GLY B 82 -15.60 17.28 11.37
C GLY B 82 -17.07 16.97 11.48
N LEU B 83 -17.42 15.75 11.88
CA LEU B 83 -18.82 15.40 12.06
C LEU B 83 -19.42 16.06 13.29
N ARG B 84 -18.59 16.38 14.29
CA ARG B 84 -19.09 17.07 15.48
C ARG B 84 -19.45 18.52 15.15
N ASP B 85 -18.55 19.23 14.48
CA ASP B 85 -18.79 20.63 14.14
C ASP B 85 -20.04 20.77 13.28
N ASN B 86 -20.06 20.08 12.14
CA ASN B 86 -21.21 20.11 11.25
C ASN B 86 -21.15 18.89 10.36
N SER B 87 -22.17 18.04 10.43
CA SER B 87 -22.24 16.82 9.63
C SER B 87 -22.85 17.02 8.26
N GLN B 88 -23.50 18.17 8.01
CA GLN B 88 -24.18 18.38 6.74
C GLN B 88 -23.20 18.39 5.57
N PHE B 89 -22.00 18.91 5.79
CA PHE B 89 -21.00 18.92 4.73
C PHE B 89 -20.61 17.50 4.32
N CYS B 90 -20.36 16.65 5.31
CA CYS B 90 -20.00 15.26 5.02
C CYS B 90 -21.16 14.51 4.38
N LEU B 91 -22.36 14.64 4.96
CA LEU B 91 -23.52 13.90 4.46
C LEU B 91 -23.91 14.34 3.06
N GLN B 92 -23.67 15.60 2.71
CA GLN B 92 -23.94 16.04 1.35
C GLN B 92 -22.92 15.44 0.37
N ARG B 93 -21.67 15.30 0.80
CA ARG B 93 -20.67 14.66 -0.05
C ARG B 93 -20.96 13.17 -0.22
N ILE B 94 -21.40 12.51 0.86
CA ILE B 94 -21.78 11.11 0.77
C ILE B 94 -22.94 10.93 -0.19
N HIS B 95 -23.95 11.80 -0.09
CA HIS B 95 -25.09 11.73 -1.00
C HIS B 95 -24.66 11.93 -2.44
N GLN B 96 -23.70 12.84 -2.67
CA GLN B 96 -23.21 13.07 -4.02
C GLN B 96 -22.52 11.83 -4.59
N GLY B 97 -21.76 11.11 -3.75
CA GLY B 97 -21.12 9.89 -4.21
C GLY B 97 -22.11 8.76 -4.43
N LEU B 98 -23.16 8.69 -3.62
CA LEU B 98 -24.15 7.63 -3.75
C LEU B 98 -24.89 7.72 -5.08
N ILE B 99 -25.34 8.93 -5.44
CA ILE B 99 -26.04 9.09 -6.71
C ILE B 99 -25.08 8.90 -7.88
N PHE B 100 -23.79 9.20 -7.68
CA PHE B 100 -22.81 8.97 -8.74
C PHE B 100 -22.69 7.48 -9.06
N TYR B 101 -22.47 6.66 -8.03
CA TYR B 101 -22.34 5.22 -8.26
C TYR B 101 -23.66 4.59 -8.65
N GLU B 102 -24.78 5.15 -8.20
CA GLU B 102 -26.09 4.61 -8.59
C GLU B 102 -26.31 4.75 -10.08
N LYS B 103 -25.90 5.87 -10.67
CA LYS B 103 -26.07 6.07 -12.11
C LYS B 103 -25.18 5.11 -12.90
N LEU B 104 -23.95 4.87 -12.44
CA LEU B 104 -23.04 3.98 -13.14
C LEU B 104 -23.55 2.53 -13.11
N LEU B 105 -24.07 2.08 -11.96
CA LEU B 105 -24.53 0.71 -11.85
C LEU B 105 -25.75 0.45 -12.72
N GLY B 106 -26.57 1.47 -12.97
CA GLY B 106 -27.70 1.34 -13.85
C GLY B 106 -27.42 1.68 -15.30
N SER B 107 -26.18 2.00 -15.65
CA SER B 107 -25.83 2.44 -16.98
C SER B 107 -25.46 1.24 -17.86
N ASP B 108 -25.11 1.54 -19.12
CA ASP B 108 -24.71 0.49 -20.06
C ASP B 108 -23.57 -0.36 -19.53
N ILE B 109 -22.68 0.22 -18.73
CA ILE B 109 -21.51 -0.49 -18.23
C ILE B 109 -21.91 -1.79 -17.53
N PHE B 110 -23.05 -1.79 -16.85
CA PHE B 110 -23.53 -2.96 -16.12
C PHE B 110 -24.81 -3.58 -16.68
N THR B 111 -25.61 -2.82 -17.43
CA THR B 111 -26.86 -3.38 -17.94
C THR B 111 -26.63 -4.35 -19.09
N GLY B 112 -25.72 -4.02 -20.00
CA GLY B 112 -25.49 -4.82 -21.18
C GLY B 112 -24.67 -6.06 -20.90
N GLU B 113 -24.13 -6.61 -21.97
CA GLU B 113 -23.37 -7.85 -21.88
C GLU B 113 -21.89 -7.54 -21.62
N PRO B 114 -21.14 -8.48 -21.02
CA PRO B 114 -21.57 -9.80 -20.56
C PRO B 114 -22.61 -9.73 -19.45
N SER B 115 -23.73 -10.42 -19.66
CA SER B 115 -24.86 -10.33 -18.73
C SER B 115 -24.45 -10.77 -17.34
N LEU B 116 -24.87 -9.98 -16.35
CA LEU B 116 -24.57 -10.32 -14.96
C LEU B 116 -25.35 -11.56 -14.56
N LEU B 117 -24.71 -12.39 -13.74
CA LEU B 117 -25.34 -13.63 -13.31
C LEU B 117 -26.69 -13.34 -12.66
N PRO B 118 -27.68 -14.22 -12.80
CA PRO B 118 -29.02 -13.92 -12.26
C PRO B 118 -29.01 -13.62 -10.77
N ASP B 119 -28.13 -14.25 -9.99
CA ASP B 119 -28.04 -14.01 -8.56
C ASP B 119 -26.90 -13.04 -8.21
N SER B 120 -26.58 -12.11 -9.11
CA SER B 120 -25.46 -11.22 -8.90
C SER B 120 -25.79 -10.20 -7.81
N PRO B 121 -24.83 -9.86 -6.94
CA PRO B 121 -25.10 -8.87 -5.89
C PRO B 121 -25.22 -7.44 -6.39
N VAL B 122 -25.00 -7.19 -7.68
CA VAL B 122 -25.09 -5.83 -8.21
C VAL B 122 -26.52 -5.30 -8.16
N GLY B 123 -27.50 -6.19 -8.33
CA GLY B 123 -28.89 -5.75 -8.31
C GLY B 123 -29.29 -5.12 -6.99
N GLN B 124 -29.05 -5.84 -5.89
CA GLN B 124 -29.35 -5.27 -4.58
C GLN B 124 -28.41 -4.11 -4.25
N LEU B 125 -27.21 -4.12 -4.82
CA LEU B 125 -26.27 -3.03 -4.57
C LEU B 125 -26.80 -1.71 -5.11
N HIS B 126 -27.39 -1.73 -6.31
CA HIS B 126 -27.99 -0.53 -6.87
C HIS B 126 -29.19 -0.07 -6.05
N ALA B 127 -30.00 -1.02 -5.57
CA ALA B 127 -31.17 -0.67 -4.78
C ALA B 127 -30.79 -0.10 -3.42
N SER B 128 -29.72 -0.64 -2.82
CA SER B 128 -29.28 -0.13 -1.53
C SER B 128 -28.64 1.25 -1.65
N LEU B 129 -27.98 1.52 -2.77
CA LEU B 129 -27.45 2.86 -3.02
C LEU B 129 -28.58 3.88 -3.07
N LEU B 130 -29.66 3.56 -3.78
CA LEU B 130 -30.80 4.47 -3.86
C LEU B 130 -31.49 4.58 -2.51
N GLY B 131 -31.58 3.47 -1.77
CA GLY B 131 -32.23 3.51 -0.47
C GLY B 131 -31.52 4.42 0.52
N LEU B 132 -30.19 4.42 0.50
CA LEU B 132 -29.43 5.25 1.43
C LEU B 132 -29.45 6.72 0.99
N SER B 133 -29.29 6.98 -0.31
CA SER B 133 -29.32 8.36 -0.78
C SER B 133 -30.68 9.01 -0.54
N GLN B 134 -31.76 8.21 -0.59
CA GLN B 134 -33.08 8.74 -0.28
C GLN B 134 -33.17 9.17 1.18
N LEU B 135 -32.53 8.43 2.08
CA LEU B 135 -32.56 8.78 3.50
C LEU B 135 -31.82 10.08 3.80
N LEU B 136 -30.91 10.50 2.92
CA LEU B 136 -30.07 11.67 3.17
C LEU B 136 -30.64 12.96 2.58
N GLN B 137 -31.66 12.87 1.74
N GLN B 137 -31.68 12.87 1.74
CA GLN B 137 -32.25 14.06 1.13
CA GLN B 137 -32.30 14.05 1.14
C GLN B 137 -33.31 14.64 2.06
C GLN B 137 -33.32 14.63 2.09
N PRO B 138 -33.06 15.77 2.71
CA PRO B 138 -34.06 16.37 3.59
C PRO B 138 -35.07 17.20 2.80
N GLU B 139 -36.22 17.41 3.43
CA GLU B 139 -37.28 18.20 2.81
C GLU B 139 -36.81 19.63 2.59
N GLY B 140 -37.25 20.23 1.48
CA GLY B 140 -36.85 21.58 1.12
C GLY B 140 -35.47 21.68 0.52
N HIS B 141 -34.70 20.59 0.50
CA HIS B 141 -33.38 20.56 -0.12
C HIS B 141 -33.40 19.61 -1.30
N HIS B 142 -32.70 19.98 -2.36
CA HIS B 142 -32.72 19.23 -3.62
C HIS B 142 -31.28 18.97 -4.04
N TRP B 143 -30.64 18.01 -3.38
CA TRP B 143 -29.24 17.72 -3.62
C TRP B 143 -29.04 16.97 -4.94
N GLU B 144 -30.03 16.20 -5.37
CA GLU B 144 -29.93 15.47 -6.63
C GLU B 144 -29.65 16.43 -7.77
N THR B 145 -28.46 16.30 -8.36
CA THR B 145 -28.03 17.17 -9.45
C THR B 145 -26.84 16.59 -10.20
N GLN B 155 -16.17 1.50 -26.05
CA GLN B 155 -16.37 0.79 -27.32
C GLN B 155 -16.04 -0.71 -27.26
N PRO B 156 -14.81 -1.07 -26.87
CA PRO B 156 -14.45 -2.49 -26.88
C PRO B 156 -15.20 -3.27 -25.82
N TRP B 157 -15.39 -4.56 -26.09
CA TRP B 157 -16.04 -5.44 -25.14
C TRP B 157 -15.22 -5.61 -23.86
N GLN B 158 -13.94 -5.26 -23.89
CA GLN B 158 -13.07 -5.35 -22.73
C GLN B 158 -13.29 -4.18 -21.78
N ARG B 159 -14.55 -3.83 -21.54
CA ARG B 159 -14.89 -2.84 -20.51
C ARG B 159 -15.40 -3.50 -19.24
N LEU B 160 -15.32 -4.84 -19.16
CA LEU B 160 -15.46 -5.52 -17.87
C LEU B 160 -14.41 -5.03 -16.88
N LEU B 161 -13.25 -4.60 -17.38
CA LEU B 161 -12.25 -3.97 -16.52
C LEU B 161 -12.81 -2.73 -15.84
N LEU B 162 -13.59 -1.93 -16.57
CA LEU B 162 -14.18 -0.74 -15.97
C LEU B 162 -15.22 -1.10 -14.91
N ARG B 163 -15.95 -2.20 -15.12
CA ARG B 163 -16.88 -2.68 -14.11
C ARG B 163 -16.17 -2.93 -12.79
N PHE B 164 -15.06 -3.69 -12.82
CA PHE B 164 -14.33 -3.99 -11.60
C PHE B 164 -13.64 -2.75 -11.05
N LYS B 165 -13.26 -1.80 -11.90
CA LYS B 165 -12.66 -0.56 -11.42
C LYS B 165 -13.68 0.30 -10.68
N ILE B 166 -14.91 0.35 -11.19
CA ILE B 166 -15.96 1.11 -10.51
C ILE B 166 -16.30 0.49 -9.17
N LEU B 167 -16.46 -0.84 -9.15
CA LEU B 167 -16.83 -1.52 -7.90
C LEU B 167 -15.70 -1.45 -6.88
N ARG B 168 -14.44 -1.49 -7.33
CA ARG B 168 -13.32 -1.31 -6.41
C ARG B 168 -13.32 0.09 -5.81
N SER B 169 -13.58 1.10 -6.63
CA SER B 169 -13.72 2.46 -6.12
C SER B 169 -14.94 2.60 -5.22
N LEU B 170 -16.01 1.84 -5.52
CA LEU B 170 -17.21 1.90 -4.69
C LEU B 170 -16.96 1.30 -3.32
N GLN B 171 -16.18 0.20 -3.26
CA GLN B 171 -15.88 -0.42 -1.97
C GLN B 171 -15.15 0.54 -1.04
N ALA B 172 -14.28 1.37 -1.59
CA ALA B 172 -13.56 2.35 -0.76
C ALA B 172 -14.50 3.45 -0.28
N PHE B 173 -15.43 3.88 -1.14
CA PHE B 173 -16.33 4.96 -0.77
C PHE B 173 -17.30 4.54 0.33
N VAL B 174 -17.96 3.39 0.15
CA VAL B 174 -18.94 2.95 1.14
C VAL B 174 -18.28 2.58 2.46
N ALA B 175 -16.99 2.22 2.44
CA ALA B 175 -16.28 1.94 3.67
C ALA B 175 -16.18 3.19 4.55
N VAL B 176 -15.84 4.32 3.93
CA VAL B 176 -15.78 5.58 4.67
C VAL B 176 -17.17 6.02 5.10
N ALA B 177 -18.17 5.85 4.23
CA ALA B 177 -19.53 6.21 4.59
C ALA B 177 -20.04 5.37 5.76
N ALA B 178 -19.70 4.08 5.77
CA ALA B 178 -20.13 3.22 6.87
C ALA B 178 -19.50 3.65 8.19
N ARG B 179 -18.24 4.10 8.15
CA ARG B 179 -17.60 4.59 9.37
C ARG B 179 -18.25 5.87 9.86
N VAL B 180 -18.69 6.73 8.94
CA VAL B 180 -19.33 7.98 9.33
C VAL B 180 -20.63 7.72 10.07
N PHE B 181 -21.48 6.86 9.50
CA PHE B 181 -22.80 6.62 10.09
C PHE B 181 -22.70 5.78 11.36
N ALA B 182 -21.73 4.87 11.44
CA ALA B 182 -21.53 4.12 12.66
C ALA B 182 -21.02 5.02 13.79
N HIS B 183 -20.14 5.96 13.45
CA HIS B 183 -19.65 6.91 14.44
C HIS B 183 -20.74 7.88 14.86
N GLY B 184 -21.54 8.36 13.90
CA GLY B 184 -22.62 9.26 14.24
C GLY B 184 -23.71 8.61 15.07
N ALA B 185 -24.04 7.35 14.76
CA ALA B 185 -25.04 6.64 15.53
C ALA B 185 -24.58 6.38 16.96
N ALA B 186 -23.27 6.30 17.18
CA ALA B 186 -22.73 6.02 18.50
C ALA B 186 -22.51 7.27 19.34
N THR B 187 -22.33 8.43 18.70
CA THR B 187 -22.03 9.66 19.43
C THR B 187 -23.06 10.76 19.20
N LEU B 188 -23.48 10.97 17.96
CA LEU B 188 -24.43 12.04 17.62
C LEU B 188 -25.86 11.50 17.54
N SER B 189 -26.31 10.82 18.59
CA SER B 189 -27.61 10.17 18.59
C SER B 189 -28.17 10.21 20.01
N PRO B 190 -29.51 10.28 20.16
CA PRO B 190 -30.10 10.33 21.50
C PRO B 190 -29.99 9.00 22.24
C1 NAG C . 14.83 4.17 -12.19
C2 NAG C . 14.76 5.67 -11.90
C3 NAG C . 14.37 6.45 -13.15
C4 NAG C . 15.29 6.08 -14.32
C5 NAG C . 15.28 4.56 -14.52
C6 NAG C . 16.19 4.11 -15.63
C7 NAG C . 14.17 6.66 -9.73
C8 NAG C . 13.08 6.84 -8.71
N2 NAG C . 13.83 5.94 -10.82
O3 NAG C . 14.45 7.83 -12.89
O4 NAG C . 14.86 6.74 -15.51
O5 NAG C . 15.71 3.92 -13.32
O6 NAG C . 17.54 4.49 -15.40
O7 NAG C . 15.29 7.14 -9.58
C1 NAG C . 15.80 7.79 -15.84
C2 NAG C . 15.47 8.31 -17.22
C3 NAG C . 16.39 9.48 -17.59
C4 NAG C . 16.37 10.55 -16.50
C5 NAG C . 16.66 9.92 -15.14
C6 NAG C . 16.54 10.88 -13.97
C7 NAG C . 14.55 6.89 -19.00
C8 NAG C . 14.83 5.77 -19.96
N2 NAG C . 15.57 7.25 -18.21
O3 NAG C . 15.99 10.03 -18.83
O4 NAG C . 17.35 11.54 -16.80
O5 NAG C . 15.74 8.85 -14.88
O6 NAG C . 15.33 11.62 -14.04
O7 NAG C . 13.46 7.43 -18.94
C1 BMA C . 16.86 12.90 -16.71
C2 BMA C . 18.09 13.81 -16.59
C3 BMA C . 17.68 15.28 -16.51
C4 BMA C . 16.70 15.63 -17.63
C5 BMA C . 15.55 14.64 -17.72
C6 BMA C . 14.72 14.96 -18.93
O2 BMA C . 18.91 13.68 -17.74
O3 BMA C . 18.81 16.12 -16.64
O4 BMA C . 16.17 16.93 -17.42
O5 BMA C . 16.07 13.30 -17.85
O6 BMA C . 13.79 13.95 -19.13
C1 MAN C . 12.47 14.33 -18.65
C2 MAN C . 11.52 13.66 -19.70
C3 MAN C . 11.19 14.55 -20.90
C4 MAN C . 10.77 15.93 -20.47
C5 MAN C . 11.87 16.60 -19.64
C6 MAN C . 11.44 17.95 -19.10
O2 MAN C . 10.30 13.26 -19.08
O3 MAN C . 10.18 13.96 -21.73
O4 MAN C . 10.55 16.73 -21.63
O5 MAN C . 12.26 15.77 -18.49
O6 MAN C . 12.46 18.47 -18.27
C1 MAN C . 10.45 11.83 -19.02
C2 MAN C . 9.33 11.23 -19.95
C3 MAN C . 8.97 9.83 -19.49
C4 MAN C . 10.19 9.14 -18.85
C5 MAN C . 10.60 9.87 -17.54
C6 MAN C . 12.05 9.67 -17.18
O2 MAN C . 9.76 11.09 -21.31
O3 MAN C . 8.44 9.06 -20.58
O4 MAN C . 9.87 7.79 -18.56
O5 MAN C . 10.39 11.32 -17.67
O6 MAN C . 12.29 10.41 -16.00
C1 MAN C . 19.08 16.80 -15.40
C2 MAN C . 18.28 18.12 -15.40
C3 MAN C . 18.76 19.01 -16.57
C4 MAN C . 20.30 19.14 -16.58
C5 MAN C . 20.96 17.75 -16.49
C6 MAN C . 22.47 17.82 -16.36
O2 MAN C . 18.53 18.87 -14.22
O3 MAN C . 18.16 20.29 -16.53
O4 MAN C . 20.71 19.78 -17.78
O5 MAN C . 20.45 17.05 -15.34
O6 MAN C . 22.78 18.45 -15.13
TB TB D . 22.48 5.63 -26.66
#